data_1GLN
#
_entry.id   1GLN
#
_cell.length_a   75.750
_cell.length_b   110.090
_cell.length_c   67.560
_cell.angle_alpha   90.00
_cell.angle_beta   90.00
_cell.angle_gamma   90.00
#
_symmetry.space_group_name_H-M   'P 21 21 21'
#
loop_
_entity.id
_entity.type
_entity.pdbx_description
1 polymer 'GLUTAMYL-TRNA SYNTHETASE'
2 water water
#
_entity_poly.entity_id   1
_entity_poly.type   'polypeptide(L)'
_entity_poly.pdbx_seq_one_letter_code
;MVVTRIAPSPTGDPHVGTAYIALFNYAWARRNGGRFIVRIEDTDRARYVPGAEERILAALKWLGLSYDEGPDVAAPTGPY
RQSERLPLYQKYAEELLKRGWAYRAFETPEELEQIRKEKGGYDGRARNIPPEEAEERARRGEPHVIRLKVPRPGTTEVKD
ELRGVVVYDNQEIPDVVLLKSDGYPTYHLANVVDDHLMGVTDVIRAEEWLVSTPIHVLLYRAFGWEAPRFYHMPLLRNPD
KTKISKRKSHTSLDWYKAEGFLPEALRNYLCLMGFSMPDGREIFTLEEFIQAFTWERVSLGGPVFDLEKLRWMNGKYIRE
VLSLEEVAERVKPFLREAGLSWESEAYLRRAVELMRPRFDTLKEFPEKARYLFTEDYPVSEKAQRKLEEGLPLLKELYPR
LRAQEEWTEAALEALLRGFAAEKGVKLGQVAQPLRAALTGSLETPGLFEILALLGKERALRRLERALA
;
_entity_poly.pdbx_strand_id   A
#
# COMPACT_ATOMS: atom_id res chain seq x y z
N MET A 1 -13.08 -6.38 -24.44
CA MET A 1 -12.97 -5.10 -23.74
C MET A 1 -12.81 -5.36 -22.25
N VAL A 2 -11.65 -5.96 -21.98
CA VAL A 2 -11.33 -6.25 -20.55
C VAL A 2 -11.77 -5.04 -19.75
N VAL A 3 -12.56 -5.15 -18.73
CA VAL A 3 -12.90 -4.02 -17.85
C VAL A 3 -12.72 -4.61 -16.42
N THR A 4 -11.85 -3.96 -15.65
CA THR A 4 -11.60 -4.45 -14.28
C THR A 4 -12.00 -3.38 -13.31
N ARG A 5 -12.12 -3.67 -12.04
CA ARG A 5 -12.46 -2.74 -10.95
C ARG A 5 -11.72 -3.09 -9.66
N ILE A 6 -11.82 -2.26 -8.68
CA ILE A 6 -11.37 -2.44 -7.33
C ILE A 6 -12.70 -1.89 -6.66
N ALA A 7 -12.98 -2.38 -5.51
CA ALA A 7 -14.21 -1.91 -4.81
C ALA A 7 -13.84 -1.91 -3.34
N PRO A 8 -13.12 -0.89 -2.91
CA PRO A 8 -12.65 -0.76 -1.52
C PRO A 8 -13.78 -0.19 -0.67
N SER A 9 -13.70 -0.26 0.63
CA SER A 9 -14.78 0.30 1.48
C SER A 9 -14.14 1.40 2.34
N PRO A 10 -14.73 2.58 2.31
CA PRO A 10 -14.25 3.73 3.05
C PRO A 10 -14.37 3.55 4.54
N THR A 11 -13.95 2.42 5.00
CA THR A 11 -13.99 2.06 6.42
C THR A 11 -12.62 2.12 7.04
N GLY A 12 -11.81 3.08 6.61
CA GLY A 12 -10.46 3.24 7.15
C GLY A 12 -9.40 3.59 6.11
N ASP A 13 -8.19 3.43 6.65
CA ASP A 13 -6.86 3.58 6.13
C ASP A 13 -6.63 2.83 4.82
N PRO A 14 -6.12 3.59 3.86
CA PRO A 14 -5.76 2.98 2.54
C PRO A 14 -4.95 1.72 2.83
N HIS A 15 -5.43 0.55 2.54
CA HIS A 15 -4.75 -0.69 2.84
C HIS A 15 -3.79 -1.05 1.72
N VAL A 16 -2.66 -1.63 2.12
CA VAL A 16 -1.61 -2.11 1.22
C VAL A 16 -2.26 -3.19 0.34
N GLY A 17 -3.19 -3.87 1.01
CA GLY A 17 -4.02 -4.93 0.47
C GLY A 17 -4.79 -4.46 -0.76
N THR A 18 -5.32 -3.27 -0.72
CA THR A 18 -6.05 -2.66 -1.85
C THR A 18 -5.08 -2.24 -2.95
N ALA A 19 -3.88 -1.76 -2.58
CA ALA A 19 -2.90 -1.32 -3.59
C ALA A 19 -2.60 -2.53 -4.46
N TYR A 20 -2.43 -3.64 -3.76
CA TYR A 20 -2.15 -4.97 -4.25
C TYR A 20 -3.25 -5.50 -5.16
N ILE A 21 -4.50 -5.58 -4.72
CA ILE A 21 -5.54 -6.10 -5.64
C ILE A 21 -5.68 -5.17 -6.83
N ALA A 22 -5.57 -3.89 -6.57
CA ALA A 22 -5.65 -2.85 -7.60
C ALA A 22 -4.60 -2.90 -8.70
N LEU A 23 -3.37 -3.26 -8.42
CA LEU A 23 -2.29 -3.30 -9.40
C LEU A 23 -2.46 -4.37 -10.46
N PHE A 24 -2.99 -5.52 -10.07
CA PHE A 24 -3.24 -6.64 -11.00
C PHE A 24 -4.49 -6.37 -11.83
N ASN A 25 -5.32 -5.47 -11.31
CA ASN A 25 -6.54 -5.05 -11.95
C ASN A 25 -6.15 -3.95 -12.94
N TYR A 26 -5.23 -3.13 -12.46
CA TYR A 26 -4.76 -2.01 -13.35
C TYR A 26 -3.96 -2.65 -14.46
N ALA A 27 -3.01 -3.48 -14.10
CA ALA A 27 -2.21 -4.20 -15.10
C ALA A 27 -3.06 -4.91 -16.15
N TRP A 28 -3.89 -5.86 -15.79
CA TRP A 28 -4.71 -6.63 -16.74
C TRP A 28 -5.40 -5.72 -17.72
N ALA A 29 -6.06 -4.68 -17.31
CA ALA A 29 -6.73 -3.70 -18.17
C ALA A 29 -5.77 -3.19 -19.26
N ARG A 30 -4.92 -2.26 -18.89
CA ARG A 30 -3.90 -1.61 -19.71
C ARG A 30 -3.23 -2.61 -20.64
N ARG A 31 -2.97 -3.74 -20.04
CA ARG A 31 -2.28 -4.80 -20.81
C ARG A 31 -3.24 -5.25 -21.90
N ASN A 32 -4.48 -4.79 -21.83
CA ASN A 32 -5.49 -5.20 -22.81
C ASN A 32 -6.19 -4.05 -23.51
N GLY A 33 -5.84 -2.81 -23.40
CA GLY A 33 -6.60 -1.77 -24.12
C GLY A 33 -7.82 -1.38 -23.31
N GLY A 34 -8.21 -2.21 -22.37
CA GLY A 34 -9.36 -2.08 -21.51
C GLY A 34 -9.38 -0.94 -20.52
N ARG A 35 -10.43 -0.92 -19.70
CA ARG A 35 -10.72 0.05 -18.68
C ARG A 35 -10.70 -0.53 -17.26
N PHE A 36 -10.27 0.34 -16.38
CA PHE A 36 -10.10 0.12 -14.95
C PHE A 36 -10.96 1.14 -14.16
N ILE A 37 -12.03 0.59 -13.66
CA ILE A 37 -13.11 1.24 -12.92
C ILE A 37 -12.90 1.23 -11.42
N VAL A 38 -13.56 2.13 -10.74
CA VAL A 38 -13.46 2.25 -9.28
C VAL A 38 -14.86 2.50 -8.71
N ARG A 39 -15.29 1.57 -7.91
CA ARG A 39 -16.61 1.58 -7.22
C ARG A 39 -16.44 1.62 -5.72
N ILE A 40 -17.01 2.57 -5.03
CA ILE A 40 -16.91 2.61 -3.56
C ILE A 40 -18.05 1.78 -2.92
N GLU A 41 -17.61 0.87 -2.07
CA GLU A 41 -18.44 -0.04 -1.34
C GLU A 41 -18.60 0.56 0.02
N ASP A 42 -19.56 1.50 0.03
CA ASP A 42 -19.88 2.25 1.24
C ASP A 42 -21.24 2.07 1.89
N THR A 43 -21.73 0.86 1.95
CA THR A 43 -23.01 0.52 2.60
C THR A 43 -22.90 0.24 4.08
N ASP A 44 -21.85 -0.39 4.60
CA ASP A 44 -21.70 -0.72 6.01
C ASP A 44 -21.42 0.57 6.81
N ARG A 45 -22.43 1.36 6.91
CA ARG A 45 -22.50 2.67 7.57
C ARG A 45 -21.99 2.66 9.00
N ALA A 46 -21.86 1.46 9.52
CA ALA A 46 -21.37 1.21 10.90
C ALA A 46 -19.86 1.42 10.89
N ARG A 47 -19.31 0.84 9.85
CA ARG A 47 -17.92 0.78 9.49
C ARG A 47 -17.38 2.03 8.85
N TYR A 48 -18.22 2.86 8.29
CA TYR A 48 -17.85 4.08 7.58
C TYR A 48 -17.08 5.13 8.36
N VAL A 49 -16.04 5.60 7.65
CA VAL A 49 -15.15 6.66 8.16
C VAL A 49 -15.04 7.70 7.05
N PRO A 50 -15.48 8.91 7.37
CA PRO A 50 -15.56 10.07 6.54
C PRO A 50 -14.61 10.46 5.46
N GLY A 51 -13.35 10.64 5.80
CA GLY A 51 -12.37 11.04 4.75
C GLY A 51 -11.66 9.81 4.17
N ALA A 52 -12.01 8.62 4.61
CA ALA A 52 -11.45 7.36 4.18
C ALA A 52 -11.55 7.15 2.68
N GLU A 53 -12.62 7.61 2.09
CA GLU A 53 -12.84 7.44 0.63
C GLU A 53 -11.74 8.23 -0.05
N GLU A 54 -11.72 9.50 0.28
CA GLU A 54 -10.79 10.50 -0.21
C GLU A 54 -9.33 10.06 -0.23
N ARG A 55 -8.83 9.48 0.81
CA ARG A 55 -7.51 8.97 1.04
C ARG A 55 -7.20 7.69 0.29
N ILE A 56 -8.23 6.99 -0.10
CA ILE A 56 -8.15 5.76 -0.87
C ILE A 56 -7.80 6.15 -2.31
N LEU A 57 -8.68 6.93 -2.90
CA LEU A 57 -8.49 7.36 -4.29
C LEU A 57 -7.16 8.08 -4.50
N ALA A 58 -6.75 8.85 -3.53
CA ALA A 58 -5.52 9.62 -3.56
C ALA A 58 -4.32 8.70 -3.69
N ALA A 59 -4.28 7.73 -2.82
CA ALA A 59 -3.24 6.73 -2.71
C ALA A 59 -3.06 5.94 -3.98
N LEU A 60 -4.08 5.50 -4.66
CA LEU A 60 -3.95 4.71 -5.89
C LEU A 60 -3.29 5.61 -6.94
N LYS A 61 -3.58 6.88 -6.84
CA LYS A 61 -3.06 7.90 -7.77
C LYS A 61 -1.58 8.14 -7.42
N TRP A 62 -1.35 7.90 -6.12
CA TRP A 62 -0.04 8.03 -5.51
C TRP A 62 0.85 6.96 -6.09
N LEU A 63 0.38 5.73 -6.19
CA LEU A 63 1.25 4.69 -6.79
C LEU A 63 1.29 4.82 -8.31
N GLY A 64 0.50 5.74 -8.83
CA GLY A 64 0.36 5.98 -10.26
C GLY A 64 -0.52 4.97 -10.98
N LEU A 65 -1.58 4.52 -10.33
CA LEU A 65 -2.53 3.56 -10.92
C LEU A 65 -3.79 4.40 -11.17
N SER A 66 -3.87 4.95 -12.35
CA SER A 66 -5.07 5.80 -12.63
C SER A 66 -6.18 4.95 -13.21
N TYR A 67 -7.38 5.37 -12.91
CA TYR A 67 -8.64 4.74 -13.33
C TYR A 67 -9.43 5.65 -14.25
N ASP A 68 -10.18 5.06 -15.13
CA ASP A 68 -11.04 5.76 -16.10
C ASP A 68 -12.50 5.95 -15.64
N GLU A 69 -12.87 5.46 -14.46
CA GLU A 69 -14.24 5.64 -13.92
C GLU A 69 -14.16 5.47 -12.41
N GLY A 70 -14.69 6.37 -11.65
CA GLY A 70 -14.60 6.33 -10.17
C GLY A 70 -15.53 7.41 -9.66
N PRO A 71 -15.61 7.59 -8.36
CA PRO A 71 -16.49 8.52 -7.70
C PRO A 71 -16.38 10.00 -7.96
N ASP A 72 -15.19 10.48 -7.64
CA ASP A 72 -14.70 11.85 -7.72
C ASP A 72 -15.01 12.44 -9.11
N VAL A 73 -15.34 11.53 -10.01
CA VAL A 73 -15.58 11.91 -11.41
C VAL A 73 -16.73 11.29 -12.15
N ALA A 74 -17.55 10.44 -11.56
CA ALA A 74 -18.65 9.68 -12.16
C ALA A 74 -18.10 9.05 -13.47
N ALA A 75 -19.04 8.94 -14.40
CA ALA A 75 -18.75 8.38 -15.74
C ALA A 75 -20.01 7.76 -16.32
N PRO A 76 -19.86 7.07 -17.44
CA PRO A 76 -20.96 6.45 -18.16
C PRO A 76 -21.94 5.63 -17.32
N THR A 77 -21.32 4.75 -16.56
CA THR A 77 -21.92 3.78 -15.72
C THR A 77 -22.33 4.23 -14.35
N GLY A 78 -23.10 5.31 -14.50
CA GLY A 78 -23.81 5.96 -13.41
C GLY A 78 -23.05 5.81 -12.10
N PRO A 79 -23.79 5.58 -11.03
CA PRO A 79 -23.22 5.54 -9.70
C PRO A 79 -22.06 4.62 -9.49
N TYR A 80 -21.11 5.18 -8.80
CA TYR A 80 -19.87 4.58 -8.34
C TYR A 80 -19.85 4.81 -6.83
N ARG A 81 -20.84 4.27 -6.17
CA ARG A 81 -21.01 4.33 -4.70
C ARG A 81 -22.28 3.55 -4.42
N GLN A 82 -22.13 2.40 -3.80
CA GLN A 82 -23.15 1.43 -3.47
C GLN A 82 -24.39 1.98 -2.78
N SER A 83 -24.13 2.90 -1.88
CA SER A 83 -25.06 3.57 -1.02
C SER A 83 -25.85 4.61 -1.82
N GLU A 84 -25.46 4.80 -3.04
CA GLU A 84 -26.21 5.75 -3.87
C GLU A 84 -27.01 4.99 -4.90
N ARG A 85 -26.67 3.75 -5.13
CA ARG A 85 -27.23 2.75 -6.01
C ARG A 85 -28.33 1.91 -5.34
N LEU A 86 -28.62 2.16 -4.08
CA LEU A 86 -29.61 1.47 -3.26
C LEU A 86 -30.84 0.93 -3.95
N PRO A 87 -31.60 1.80 -4.60
CA PRO A 87 -32.80 1.43 -5.36
C PRO A 87 -32.56 0.35 -6.42
N LEU A 88 -31.44 0.40 -7.11
CA LEU A 88 -31.08 -0.59 -8.13
C LEU A 88 -30.98 -1.98 -7.53
N TYR A 89 -31.03 -2.17 -6.24
CA TYR A 89 -30.88 -3.46 -5.58
C TYR A 89 -32.21 -4.10 -5.18
N GLN A 90 -33.18 -3.25 -4.92
CA GLN A 90 -34.53 -3.69 -4.50
C GLN A 90 -35.17 -4.28 -5.78
N LYS A 91 -34.87 -3.49 -6.80
CA LYS A 91 -35.47 -3.80 -8.09
C LYS A 91 -34.95 -5.07 -8.67
N TYR A 92 -33.75 -5.50 -8.42
CA TYR A 92 -33.30 -6.79 -9.02
C TYR A 92 -33.74 -7.82 -8.00
N ALA A 93 -33.60 -7.37 -6.74
CA ALA A 93 -34.04 -8.30 -5.66
C ALA A 93 -35.47 -8.71 -6.06
N GLU A 94 -36.26 -7.74 -6.49
CA GLU A 94 -37.64 -7.93 -6.94
C GLU A 94 -37.77 -8.76 -8.21
N GLU A 95 -37.05 -8.39 -9.25
CA GLU A 95 -37.03 -9.06 -10.55
C GLU A 95 -36.71 -10.50 -10.23
N LEU A 96 -35.67 -10.68 -9.43
CA LEU A 96 -35.23 -12.03 -9.01
C LEU A 96 -36.31 -12.89 -8.33
N LEU A 97 -37.25 -12.26 -7.73
CA LEU A 97 -38.42 -12.79 -7.01
C LEU A 97 -39.47 -13.15 -8.09
N LYS A 98 -39.69 -12.15 -8.92
CA LYS A 98 -40.64 -12.27 -10.06
C LYS A 98 -39.91 -13.19 -11.02
N ARG A 99 -39.71 -14.43 -10.61
CA ARG A 99 -38.97 -15.37 -11.49
C ARG A 99 -38.56 -16.57 -10.62
N GLY A 100 -38.99 -16.54 -9.40
CA GLY A 100 -38.71 -17.62 -8.48
C GLY A 100 -37.27 -18.07 -8.45
N TRP A 101 -36.35 -17.15 -8.17
CA TRP A 101 -34.93 -17.49 -7.96
C TRP A 101 -34.59 -17.02 -6.54
N ALA A 102 -35.51 -16.23 -6.01
CA ALA A 102 -35.33 -15.69 -4.63
C ALA A 102 -36.64 -15.86 -3.88
N TYR A 103 -36.69 -15.52 -2.62
CA TYR A 103 -37.89 -15.58 -1.78
C TYR A 103 -37.74 -14.80 -0.49
N ARG A 104 -38.87 -14.44 0.09
CA ARG A 104 -38.96 -13.72 1.37
C ARG A 104 -39.05 -14.81 2.45
N ALA A 105 -38.49 -14.54 3.57
CA ALA A 105 -38.33 -15.27 4.81
C ALA A 105 -38.43 -14.23 5.95
N PHE A 106 -39.44 -14.48 6.77
CA PHE A 106 -39.84 -13.60 7.86
C PHE A 106 -39.34 -13.94 9.23
N GLU A 107 -38.52 -14.94 9.44
CA GLU A 107 -38.00 -15.30 10.74
C GLU A 107 -37.30 -14.15 11.43
N THR A 108 -37.56 -14.00 12.71
CA THR A 108 -36.89 -12.94 13.50
C THR A 108 -35.48 -13.47 13.65
N PRO A 109 -34.56 -12.61 13.96
CA PRO A 109 -33.12 -12.95 14.15
C PRO A 109 -33.01 -13.96 15.29
N GLU A 110 -33.97 -13.77 16.19
CA GLU A 110 -34.05 -14.67 17.38
C GLU A 110 -34.47 -16.07 16.93
N GLU A 111 -35.44 -16.03 16.00
CA GLU A 111 -35.98 -17.26 15.41
C GLU A 111 -34.85 -17.91 14.62
N LEU A 112 -34.26 -17.10 13.75
CA LEU A 112 -33.11 -17.60 12.96
C LEU A 112 -32.06 -18.18 13.92
N GLU A 113 -31.82 -17.49 15.03
CA GLU A 113 -30.83 -18.00 15.99
C GLU A 113 -31.05 -19.39 16.55
N GLN A 114 -32.26 -19.90 16.56
CA GLN A 114 -32.68 -21.19 17.08
C GLN A 114 -32.64 -22.24 16.00
N ILE A 115 -33.02 -21.93 14.78
CA ILE A 115 -32.95 -22.94 13.69
C ILE A 115 -31.47 -23.38 13.61
N ARG A 116 -30.63 -22.37 13.63
CA ARG A 116 -29.18 -22.49 13.61
C ARG A 116 -28.74 -23.52 14.65
N LYS A 117 -28.84 -23.21 15.92
CA LYS A 117 -28.46 -24.13 16.99
C LYS A 117 -29.02 -25.55 16.80
N GLU A 118 -29.93 -25.73 15.87
CA GLU A 118 -30.56 -27.02 15.61
C GLU A 118 -30.31 -27.61 14.25
N LYS A 119 -30.01 -26.84 13.24
CA LYS A 119 -29.85 -27.43 11.89
C LYS A 119 -28.57 -27.03 11.23
N GLY A 120 -27.71 -26.44 12.04
CA GLY A 120 -26.41 -25.97 11.56
C GLY A 120 -26.53 -24.62 10.82
N GLY A 121 -27.74 -24.26 10.51
CA GLY A 121 -28.03 -23.00 9.81
C GLY A 121 -29.45 -23.11 9.20
N TYR A 122 -29.72 -22.06 8.42
CA TYR A 122 -31.02 -21.93 7.78
C TYR A 122 -31.46 -23.00 6.83
N ASP A 123 -32.48 -23.73 7.26
CA ASP A 123 -33.04 -24.84 6.47
C ASP A 123 -33.93 -24.42 5.32
N GLY A 124 -34.00 -23.15 4.99
CA GLY A 124 -34.82 -22.62 3.89
C GLY A 124 -36.30 -22.93 4.07
N ARG A 125 -36.78 -22.95 5.29
CA ARG A 125 -38.18 -23.24 5.58
C ARG A 125 -39.12 -22.22 4.99
N ALA A 126 -38.74 -20.96 4.92
CA ALA A 126 -39.71 -19.99 4.35
C ALA A 126 -40.00 -20.33 2.89
N ARG A 127 -39.35 -21.33 2.31
CA ARG A 127 -39.57 -21.59 0.89
C ARG A 127 -40.92 -22.27 0.69
N ASN A 128 -41.57 -22.62 1.79
CA ASN A 128 -42.88 -23.33 1.61
C ASN A 128 -44.05 -22.41 1.86
N ILE A 129 -43.94 -21.12 1.66
CA ILE A 129 -44.97 -20.10 1.84
C ILE A 129 -45.45 -19.74 0.42
N PRO A 130 -46.74 -19.99 0.17
CA PRO A 130 -47.31 -19.66 -1.14
C PRO A 130 -46.78 -18.28 -1.49
N PRO A 131 -46.30 -18.15 -2.70
CA PRO A 131 -45.75 -16.87 -3.21
C PRO A 131 -46.65 -15.70 -2.87
N GLU A 132 -47.87 -15.70 -3.39
CA GLU A 132 -48.80 -14.58 -3.16
C GLU A 132 -49.03 -14.33 -1.68
N GLU A 133 -48.94 -15.39 -0.89
CA GLU A 133 -49.10 -15.20 0.59
C GLU A 133 -47.94 -14.28 1.00
N ALA A 134 -46.74 -14.80 0.78
CA ALA A 134 -45.51 -14.09 1.10
C ALA A 134 -45.55 -12.60 0.74
N GLU A 135 -46.31 -12.25 -0.28
CA GLU A 135 -46.47 -10.90 -0.79
C GLU A 135 -47.41 -10.07 0.03
N GLU A 136 -48.44 -10.71 0.57
CA GLU A 136 -49.44 -10.08 1.42
C GLU A 136 -48.68 -9.44 2.61
N ARG A 137 -47.91 -10.33 3.19
CA ARG A 137 -47.11 -10.08 4.38
C ARG A 137 -46.17 -8.92 4.16
N ALA A 138 -45.61 -8.96 2.96
CA ALA A 138 -44.68 -7.92 2.50
C ALA A 138 -45.48 -6.61 2.49
N ARG A 139 -46.61 -6.64 1.83
CA ARG A 139 -47.46 -5.42 1.71
C ARG A 139 -47.67 -4.81 3.08
N ARG A 140 -48.25 -5.64 3.94
CA ARG A 140 -48.49 -5.22 5.33
C ARG A 140 -47.23 -4.57 5.89
N GLY A 141 -46.08 -4.87 5.30
CA GLY A 141 -44.80 -4.29 5.72
C GLY A 141 -44.21 -5.12 6.85
N GLU A 142 -44.27 -6.43 6.66
CA GLU A 142 -43.74 -7.40 7.63
C GLU A 142 -42.25 -7.50 7.27
N PRO A 143 -41.41 -7.33 8.28
CA PRO A 143 -39.96 -7.37 8.09
C PRO A 143 -39.54 -8.78 7.67
N HIS A 144 -38.86 -8.76 6.52
CA HIS A 144 -38.33 -10.01 5.94
C HIS A 144 -37.00 -9.67 5.24
N VAL A 145 -36.40 -10.73 4.76
CA VAL A 145 -35.18 -10.70 3.96
C VAL A 145 -35.53 -11.38 2.60
N ILE A 146 -34.64 -11.16 1.66
CA ILE A 146 -34.77 -11.76 0.32
C ILE A 146 -33.63 -12.76 0.19
N ARG A 147 -33.93 -14.03 0.12
CA ARG A 147 -32.88 -15.05 0.05
C ARG A 147 -32.74 -15.62 -1.34
N LEU A 148 -31.63 -16.38 -1.49
CA LEU A 148 -31.41 -17.02 -2.80
C LEU A 148 -32.08 -18.40 -2.83
N LYS A 149 -32.86 -18.55 -3.92
CA LYS A 149 -33.65 -19.76 -4.14
C LYS A 149 -32.94 -20.76 -5.03
N VAL A 150 -31.83 -21.20 -4.39
CA VAL A 150 -30.93 -22.17 -4.97
C VAL A 150 -31.71 -23.44 -5.32
N PRO A 151 -31.51 -23.81 -6.56
CA PRO A 151 -32.09 -25.09 -7.10
C PRO A 151 -31.37 -26.20 -6.29
N ARG A 152 -31.94 -26.63 -5.21
CA ARG A 152 -31.49 -27.56 -4.22
C ARG A 152 -31.11 -28.94 -4.65
N PRO A 153 -31.89 -29.51 -5.59
CA PRO A 153 -31.58 -30.86 -6.11
C PRO A 153 -30.65 -30.83 -7.29
N GLY A 154 -29.76 -29.91 -7.54
CA GLY A 154 -28.85 -29.85 -8.69
C GLY A 154 -27.40 -29.69 -8.39
N THR A 155 -26.58 -29.29 -9.38
CA THR A 155 -25.10 -29.14 -9.27
C THR A 155 -24.52 -27.83 -9.77
N THR A 156 -23.41 -27.32 -9.22
CA THR A 156 -22.83 -26.06 -9.66
C THR A 156 -21.33 -26.11 -9.88
N GLU A 157 -20.90 -25.70 -11.05
CA GLU A 157 -19.49 -25.71 -11.46
C GLU A 157 -18.90 -24.32 -11.64
N VAL A 158 -17.85 -24.02 -10.86
CA VAL A 158 -17.23 -22.68 -10.98
C VAL A 158 -15.79 -22.77 -11.41
N LYS A 159 -15.31 -21.89 -12.26
CA LYS A 159 -13.93 -21.90 -12.76
C LYS A 159 -13.21 -20.63 -12.32
N ASP A 160 -12.02 -20.89 -11.82
CA ASP A 160 -11.13 -19.78 -11.36
C ASP A 160 -9.98 -19.84 -12.37
N GLU A 161 -9.74 -18.67 -12.93
CA GLU A 161 -8.69 -18.65 -13.97
C GLU A 161 -7.34 -19.08 -13.43
N LEU A 162 -7.10 -19.11 -12.14
CA LEU A 162 -5.78 -19.51 -11.68
C LEU A 162 -5.84 -20.82 -10.96
N ARG A 163 -7.00 -21.18 -10.44
CA ARG A 163 -7.05 -22.45 -9.67
C ARG A 163 -7.85 -23.50 -10.37
N GLY A 164 -8.43 -23.22 -11.49
CA GLY A 164 -9.20 -24.20 -12.23
C GLY A 164 -10.64 -24.33 -11.73
N VAL A 165 -11.36 -25.25 -12.37
CA VAL A 165 -12.74 -25.56 -12.12
C VAL A 165 -12.92 -26.35 -10.82
N VAL A 166 -14.06 -26.14 -10.18
CA VAL A 166 -14.47 -26.86 -9.00
C VAL A 166 -15.97 -27.24 -9.16
N VAL A 167 -16.32 -28.42 -8.72
CA VAL A 167 -17.73 -28.87 -8.80
C VAL A 167 -18.37 -28.77 -7.39
N TYR A 168 -19.55 -28.21 -7.39
CA TYR A 168 -20.31 -28.02 -6.17
C TYR A 168 -21.66 -28.73 -6.22
N ASP A 169 -21.95 -29.36 -5.10
CA ASP A 169 -23.29 -29.94 -4.90
C ASP A 169 -24.03 -28.67 -4.37
N ASN A 170 -25.16 -28.32 -4.90
CA ASN A 170 -26.00 -27.19 -4.53
C ASN A 170 -26.38 -27.27 -3.05
N GLN A 171 -26.16 -28.39 -2.41
CA GLN A 171 -26.51 -28.49 -0.95
C GLN A 171 -25.44 -27.68 -0.20
N GLU A 172 -24.23 -27.78 -0.75
CA GLU A 172 -23.12 -27.01 -0.17
C GLU A 172 -23.41 -25.51 -0.23
N ILE A 173 -24.23 -25.08 -1.10
CA ILE A 173 -24.52 -23.65 -1.34
C ILE A 173 -25.82 -23.32 -0.62
N PRO A 174 -25.80 -22.27 0.17
CA PRO A 174 -26.92 -21.84 0.98
C PRO A 174 -27.79 -20.73 0.47
N ASP A 175 -29.02 -20.70 0.96
CA ASP A 175 -30.02 -19.69 0.65
C ASP A 175 -29.57 -18.43 1.41
N VAL A 176 -28.71 -17.65 0.82
CA VAL A 176 -28.13 -16.45 1.38
C VAL A 176 -29.04 -15.25 1.26
N VAL A 177 -28.91 -14.35 2.26
CA VAL A 177 -29.79 -13.15 2.12
C VAL A 177 -29.18 -12.35 0.97
N LEU A 178 -30.02 -11.64 0.26
CA LEU A 178 -29.68 -10.77 -0.85
C LEU A 178 -30.01 -9.34 -0.45
N LEU A 179 -31.10 -9.26 0.28
CA LEU A 179 -31.68 -8.04 0.84
C LEU A 179 -32.06 -8.31 2.30
N LYS A 180 -31.66 -7.34 3.09
CA LYS A 180 -31.92 -7.34 4.56
C LYS A 180 -33.22 -6.60 4.75
N SER A 181 -33.78 -6.61 5.93
CA SER A 181 -35.05 -5.94 6.26
C SER A 181 -34.96 -4.46 5.90
N ASP A 182 -33.82 -3.84 6.17
CA ASP A 182 -33.65 -2.41 5.90
C ASP A 182 -33.45 -2.20 4.39
N GLY A 183 -33.35 -3.31 3.73
CA GLY A 183 -33.14 -3.41 2.30
C GLY A 183 -31.78 -2.83 1.93
N TYR A 184 -30.75 -3.58 2.26
CA TYR A 184 -29.37 -3.20 1.89
C TYR A 184 -28.84 -4.55 1.34
N PRO A 185 -28.26 -4.50 0.19
CA PRO A 185 -27.71 -5.69 -0.43
C PRO A 185 -26.63 -6.28 0.48
N THR A 186 -26.45 -7.57 0.32
CA THR A 186 -25.36 -8.32 0.93
C THR A 186 -24.33 -8.24 -0.24
N TYR A 187 -23.12 -8.62 0.05
CA TYR A 187 -22.05 -8.55 -0.95
C TYR A 187 -22.45 -9.21 -2.26
N HIS A 188 -23.14 -10.34 -2.12
CA HIS A 188 -23.61 -11.19 -3.20
C HIS A 188 -24.57 -10.50 -4.15
N LEU A 189 -25.52 -9.76 -3.59
CA LEU A 189 -26.46 -9.08 -4.48
C LEU A 189 -25.70 -8.03 -5.27
N ALA A 190 -25.17 -7.05 -4.62
CA ALA A 190 -24.41 -5.91 -5.05
C ALA A 190 -23.30 -6.13 -6.08
N ASN A 191 -22.40 -7.01 -5.73
CA ASN A 191 -21.25 -7.35 -6.60
C ASN A 191 -21.68 -7.72 -8.01
N VAL A 192 -22.71 -8.55 -8.14
CA VAL A 192 -23.23 -9.04 -9.40
C VAL A 192 -23.99 -7.99 -10.23
N VAL A 193 -24.78 -7.17 -9.61
CA VAL A 193 -25.54 -6.15 -10.37
C VAL A 193 -24.58 -5.08 -10.88
N ASP A 194 -23.80 -4.60 -9.90
CA ASP A 194 -22.76 -3.60 -10.15
C ASP A 194 -21.81 -4.10 -11.26
N ASP A 195 -21.21 -5.25 -11.02
CA ASP A 195 -20.27 -5.81 -12.00
C ASP A 195 -20.94 -5.81 -13.37
N HIS A 196 -22.15 -6.36 -13.35
CA HIS A 196 -22.93 -6.46 -14.60
C HIS A 196 -23.12 -5.08 -15.27
N LEU A 197 -23.78 -4.20 -14.54
CA LEU A 197 -24.07 -2.83 -15.00
C LEU A 197 -22.78 -2.14 -15.41
N MET A 198 -21.72 -2.11 -14.59
CA MET A 198 -20.49 -1.45 -14.93
C MET A 198 -19.65 -2.14 -15.99
N GLY A 199 -20.10 -3.24 -16.51
CA GLY A 199 -19.42 -3.99 -17.56
C GLY A 199 -18.09 -4.63 -17.20
N VAL A 200 -17.83 -4.87 -15.91
CA VAL A 200 -16.52 -5.50 -15.60
C VAL A 200 -16.63 -6.86 -16.29
N THR A 201 -15.48 -7.23 -16.85
CA THR A 201 -15.36 -8.50 -17.56
C THR A 201 -14.47 -9.53 -16.92
N ASP A 202 -13.69 -9.09 -15.97
CA ASP A 202 -12.71 -9.97 -15.27
C ASP A 202 -12.77 -9.51 -13.82
N VAL A 203 -12.98 -10.44 -12.94
CA VAL A 203 -13.06 -10.18 -11.49
C VAL A 203 -11.76 -10.68 -10.86
N ILE A 204 -11.00 -9.71 -10.39
CA ILE A 204 -9.70 -9.97 -9.75
C ILE A 204 -9.93 -9.43 -8.35
N ARG A 205 -10.01 -10.45 -7.45
CA ARG A 205 -10.33 -10.10 -6.04
C ARG A 205 -9.64 -10.96 -5.02
N ALA A 206 -9.93 -10.62 -3.79
CA ALA A 206 -9.40 -11.30 -2.60
C ALA A 206 -9.91 -12.73 -2.59
N GLU A 207 -8.92 -13.59 -2.40
CA GLU A 207 -9.04 -15.04 -2.33
C GLU A 207 -10.25 -15.43 -1.47
N GLU A 208 -10.48 -14.62 -0.49
CA GLU A 208 -11.53 -14.69 0.48
C GLU A 208 -12.91 -14.89 -0.17
N TRP A 209 -13.06 -14.47 -1.42
CA TRP A 209 -14.30 -14.61 -2.15
C TRP A 209 -14.50 -15.91 -2.86
N LEU A 210 -13.40 -16.63 -3.08
CA LEU A 210 -13.34 -17.90 -3.82
C LEU A 210 -14.55 -18.80 -3.59
N VAL A 211 -14.79 -19.07 -2.37
CA VAL A 211 -15.84 -19.87 -1.79
C VAL A 211 -17.28 -19.49 -2.15
N SER A 212 -17.53 -18.20 -2.21
CA SER A 212 -18.83 -17.62 -2.53
C SER A 212 -19.06 -17.51 -4.02
N THR A 213 -18.09 -17.88 -4.84
CA THR A 213 -18.29 -17.73 -6.29
C THR A 213 -19.49 -18.49 -6.78
N PRO A 214 -19.69 -19.73 -6.36
CA PRO A 214 -20.82 -20.57 -6.81
C PRO A 214 -22.14 -19.83 -6.73
N ILE A 215 -22.23 -18.97 -5.72
CA ILE A 215 -23.37 -18.11 -5.45
C ILE A 215 -23.39 -17.00 -6.50
N HIS A 216 -22.21 -16.37 -6.66
CA HIS A 216 -22.15 -15.24 -7.60
C HIS A 216 -22.57 -15.81 -8.95
N VAL A 217 -22.05 -16.99 -9.23
CA VAL A 217 -22.33 -17.69 -10.51
C VAL A 217 -23.81 -18.00 -10.74
N LEU A 218 -24.50 -18.49 -9.74
CA LEU A 218 -25.94 -18.78 -9.72
C LEU A 218 -26.66 -17.46 -10.05
N LEU A 219 -26.29 -16.38 -9.36
CA LEU A 219 -26.90 -15.04 -9.61
C LEU A 219 -26.80 -14.59 -11.07
N TYR A 220 -25.64 -14.66 -11.68
CA TYR A 220 -25.46 -14.28 -13.09
C TYR A 220 -26.52 -15.00 -13.90
N ARG A 221 -26.63 -16.27 -13.53
CA ARG A 221 -27.63 -17.17 -14.13
C ARG A 221 -29.02 -16.75 -13.70
N ALA A 222 -29.20 -16.47 -12.43
CA ALA A 222 -30.58 -16.10 -12.01
C ALA A 222 -31.10 -14.97 -12.88
N PHE A 223 -30.21 -14.07 -13.29
CA PHE A 223 -30.61 -12.91 -14.12
C PHE A 223 -30.39 -13.26 -15.58
N GLY A 224 -29.72 -14.37 -15.74
CA GLY A 224 -29.42 -14.87 -17.10
C GLY A 224 -28.58 -13.77 -17.80
N TRP A 225 -27.49 -13.49 -17.12
CA TRP A 225 -26.50 -12.49 -17.62
C TRP A 225 -25.16 -13.20 -17.58
N GLU A 226 -24.26 -12.94 -18.49
CA GLU A 226 -22.96 -13.64 -18.61
C GLU A 226 -22.04 -13.50 -17.40
N ALA A 227 -21.47 -14.63 -17.02
CA ALA A 227 -20.53 -14.59 -15.88
C ALA A 227 -19.21 -14.02 -16.40
N PRO A 228 -18.59 -13.20 -15.57
CA PRO A 228 -17.27 -12.61 -15.91
C PRO A 228 -16.23 -13.71 -15.69
N ARG A 229 -14.96 -13.36 -15.73
CA ARG A 229 -13.87 -14.34 -15.44
C ARG A 229 -13.49 -14.01 -14.00
N PHE A 230 -13.20 -14.98 -13.20
CA PHE A 230 -12.82 -14.87 -11.80
C PHE A 230 -11.33 -15.18 -11.60
N TYR A 231 -10.63 -14.25 -11.01
CA TYR A 231 -9.20 -14.34 -10.66
C TYR A 231 -9.07 -14.11 -9.14
N HIS A 232 -8.88 -15.19 -8.40
CA HIS A 232 -8.76 -15.11 -6.93
C HIS A 232 -7.28 -15.09 -6.57
N MET A 233 -6.89 -13.93 -6.07
CA MET A 233 -5.52 -13.59 -5.67
C MET A 233 -5.05 -14.17 -4.35
N PRO A 234 -3.87 -14.78 -4.44
CA PRO A 234 -3.17 -15.43 -3.35
C PRO A 234 -3.16 -14.75 -2.03
N LEU A 235 -3.43 -13.48 -1.80
CA LEU A 235 -3.43 -12.97 -0.40
C LEU A 235 -2.12 -12.73 0.33
N LEU A 236 -2.03 -11.59 1.03
CA LEU A 236 -0.84 -11.11 1.73
C LEU A 236 -0.71 -11.50 3.21
N ARG A 237 0.57 -11.81 3.48
CA ARG A 237 1.05 -12.28 4.79
C ARG A 237 2.23 -11.48 5.33
N ASN A 238 2.77 -12.04 6.42
CA ASN A 238 3.94 -11.48 7.11
C ASN A 238 5.03 -12.54 6.97
N PRO A 239 6.24 -12.12 7.28
CA PRO A 239 7.40 -13.08 7.26
C PRO A 239 6.99 -14.03 8.36
N ASP A 240 7.17 -15.33 8.28
CA ASP A 240 6.61 -16.11 9.47
C ASP A 240 5.09 -15.79 9.36
N LYS A 241 4.59 -16.11 8.19
CA LYS A 241 3.32 -15.95 7.57
C LYS A 241 2.16 -15.67 8.49
N THR A 242 1.07 -15.20 7.99
CA THR A 242 -0.15 -14.85 8.74
C THR A 242 -0.81 -13.71 7.94
N LYS A 243 -2.07 -13.92 7.59
CA LYS A 243 -2.76 -12.85 6.82
C LYS A 243 -2.26 -11.55 7.47
N ILE A 244 -1.58 -10.71 6.71
CA ILE A 244 -1.07 -9.44 7.25
C ILE A 244 -2.01 -8.81 8.30
N SER A 245 -1.36 -8.10 9.23
CA SER A 245 -2.13 -7.40 10.27
C SER A 245 -1.43 -6.12 10.70
N LYS A 246 -2.29 -5.15 10.96
CA LYS A 246 -1.92 -3.77 11.39
C LYS A 246 -0.89 -3.99 12.49
N ARG A 247 -1.32 -4.77 13.48
CA ARG A 247 -0.39 -5.13 14.59
C ARG A 247 0.37 -6.29 13.93
N LYS A 248 1.65 -6.09 13.69
CA LYS A 248 2.48 -7.12 13.03
C LYS A 248 2.42 -6.86 11.52
N SER A 249 2.88 -5.71 11.10
CA SER A 249 2.99 -5.25 9.72
C SER A 249 2.35 -3.87 9.58
N HIS A 250 2.98 -2.93 8.87
CA HIS A 250 2.30 -1.61 8.66
C HIS A 250 1.47 -1.87 7.40
N THR A 251 0.20 -1.56 7.47
CA THR A 251 -0.68 -1.85 6.32
C THR A 251 -1.28 -0.60 5.73
N SER A 252 -0.87 0.54 6.23
CA SER A 252 -1.38 1.85 5.76
C SER A 252 -0.40 2.37 4.70
N LEU A 253 -0.93 2.68 3.54
CA LEU A 253 -0.18 3.26 2.43
C LEU A 253 0.31 4.66 2.83
N ASP A 254 -0.55 5.37 3.55
CA ASP A 254 -0.21 6.72 3.99
C ASP A 254 1.06 6.60 4.84
N TRP A 255 1.18 5.59 5.64
CA TRP A 255 2.38 5.40 6.50
C TRP A 255 3.63 5.34 5.58
N TYR A 256 3.50 4.53 4.52
CA TYR A 256 4.56 4.39 3.55
C TYR A 256 5.04 5.70 2.93
N LYS A 257 4.13 6.54 2.54
CA LYS A 257 4.38 7.81 1.89
C LYS A 257 5.03 8.84 2.79
N ALA A 258 4.80 8.62 4.07
CA ALA A 258 5.26 9.52 5.16
C ALA A 258 6.66 9.14 5.66
N GLU A 259 6.95 7.86 5.64
CA GLU A 259 8.25 7.38 6.04
C GLU A 259 9.28 7.55 4.93
N GLY A 260 8.91 8.12 3.79
CA GLY A 260 9.77 8.39 2.67
C GLY A 260 10.03 7.22 1.74
N PHE A 261 9.04 6.36 1.68
CA PHE A 261 9.12 5.19 0.75
C PHE A 261 8.77 5.83 -0.60
N LEU A 262 9.40 5.47 -1.67
CA LEU A 262 9.12 6.06 -3.00
C LEU A 262 7.92 5.28 -3.54
N PRO A 263 7.02 5.98 -4.21
CA PRO A 263 5.84 5.31 -4.77
C PRO A 263 6.27 4.15 -5.64
N GLU A 264 7.18 4.46 -6.55
CA GLU A 264 7.68 3.46 -7.49
C GLU A 264 8.24 2.21 -6.90
N ALA A 265 8.93 2.33 -5.80
CA ALA A 265 9.55 1.16 -5.12
C ALA A 265 8.44 0.36 -4.47
N LEU A 266 7.47 1.02 -3.81
CA LEU A 266 6.38 0.23 -3.16
C LEU A 266 5.71 -0.57 -4.26
N ARG A 267 5.37 0.15 -5.33
CA ARG A 267 4.75 -0.38 -6.51
C ARG A 267 5.54 -1.54 -7.10
N ASN A 268 6.83 -1.40 -7.26
CA ASN A 268 7.72 -2.41 -7.81
C ASN A 268 7.68 -3.60 -6.85
N TYR A 269 7.44 -3.29 -5.59
CA TYR A 269 7.44 -4.43 -4.63
C TYR A 269 6.11 -5.16 -4.60
N LEU A 270 4.99 -4.46 -4.73
CA LEU A 270 3.70 -5.16 -4.78
C LEU A 270 3.77 -6.10 -5.99
N CYS A 271 4.42 -5.68 -7.07
CA CYS A 271 4.51 -6.52 -8.26
C CYS A 271 5.11 -7.87 -7.87
N LEU A 272 6.21 -7.89 -7.18
CA LEU A 272 6.91 -9.09 -6.76
C LEU A 272 6.04 -9.91 -5.85
N MET A 273 4.96 -9.41 -5.34
CA MET A 273 4.05 -10.23 -4.53
C MET A 273 3.44 -11.16 -5.61
N GLY A 274 3.88 -12.40 -5.58
CA GLY A 274 3.43 -13.40 -6.56
C GLY A 274 3.34 -12.85 -7.98
N PHE A 275 4.41 -13.12 -8.69
CA PHE A 275 4.60 -12.73 -10.08
C PHE A 275 6.12 -12.60 -10.29
N SER A 276 6.67 -13.46 -11.11
CA SER A 276 8.12 -13.42 -11.37
C SER A 276 8.32 -12.99 -12.83
N MET A 277 9.34 -12.13 -13.01
CA MET A 277 9.73 -11.62 -14.33
C MET A 277 10.56 -12.76 -14.97
N PRO A 278 10.24 -13.05 -16.20
CA PRO A 278 10.89 -14.11 -16.97
C PRO A 278 12.39 -14.13 -16.73
N ASP A 279 12.93 -12.94 -16.94
CA ASP A 279 14.34 -12.59 -16.86
C ASP A 279 14.88 -12.35 -15.46
N GLY A 280 14.18 -12.84 -14.47
CA GLY A 280 14.53 -12.74 -13.08
C GLY A 280 14.71 -11.37 -12.46
N ARG A 281 14.36 -10.33 -13.17
CA ARG A 281 14.48 -8.94 -12.72
C ARG A 281 13.52 -8.52 -11.63
N GLU A 282 13.97 -7.87 -10.57
CA GLU A 282 13.08 -7.40 -9.48
C GLU A 282 12.93 -5.89 -9.44
N ILE A 283 13.42 -5.23 -10.50
CA ILE A 283 13.38 -3.78 -10.69
C ILE A 283 12.94 -3.39 -12.11
N PHE A 284 11.99 -2.55 -12.27
CA PHE A 284 11.22 -1.77 -13.11
C PHE A 284 9.70 -1.85 -13.00
N THR A 285 9.08 -0.94 -12.28
CA THR A 285 7.60 -1.05 -12.23
C THR A 285 6.89 -0.86 -13.60
N LEU A 286 5.60 -0.59 -13.46
CA LEU A 286 4.51 -0.42 -14.32
C LEU A 286 4.69 -0.89 -15.75
N GLU A 287 4.92 0.04 -16.62
CA GLU A 287 5.14 -0.12 -18.04
C GLU A 287 5.76 -1.42 -18.42
N GLU A 288 6.87 -1.81 -17.86
CA GLU A 288 7.56 -3.05 -18.16
C GLU A 288 6.95 -4.31 -17.57
N PHE A 289 6.17 -4.09 -16.54
CA PHE A 289 5.42 -5.12 -15.78
C PHE A 289 4.14 -5.38 -16.60
N ILE A 290 3.42 -4.30 -16.84
CA ILE A 290 2.20 -4.42 -17.63
C ILE A 290 2.49 -4.70 -19.10
N GLN A 291 3.31 -5.67 -19.38
CA GLN A 291 3.69 -6.15 -20.69
C GLN A 291 4.33 -7.54 -20.51
N ALA A 292 4.94 -7.73 -19.35
CA ALA A 292 5.52 -9.06 -19.02
C ALA A 292 4.32 -9.89 -18.49
N PHE A 293 3.39 -9.10 -17.95
CA PHE A 293 2.16 -9.53 -17.35
C PHE A 293 1.46 -10.67 -18.07
N THR A 294 1.42 -11.72 -17.30
CA THR A 294 0.74 -12.97 -17.71
C THR A 294 0.33 -13.80 -16.54
N TRP A 295 -0.92 -14.21 -16.65
CA TRP A 295 -1.43 -15.02 -15.51
C TRP A 295 -0.47 -16.17 -15.31
N GLU A 296 0.27 -16.51 -16.39
CA GLU A 296 1.19 -17.63 -16.31
C GLU A 296 2.15 -17.57 -15.15
N ARG A 297 2.76 -16.41 -14.88
CA ARG A 297 3.74 -16.28 -13.80
C ARG A 297 3.23 -15.73 -12.48
N VAL A 298 1.96 -15.92 -12.15
CA VAL A 298 1.44 -15.43 -10.87
C VAL A 298 1.39 -16.69 -9.98
N SER A 299 1.96 -16.59 -8.82
CA SER A 299 2.06 -17.55 -7.75
C SER A 299 0.74 -17.62 -6.97
N LEU A 300 0.53 -18.76 -6.35
CA LEU A 300 -0.66 -18.98 -5.53
C LEU A 300 -0.25 -19.33 -4.12
N GLY A 301 0.93 -18.90 -3.70
CA GLY A 301 1.39 -19.26 -2.35
C GLY A 301 1.25 -18.29 -1.23
N GLY A 302 0.49 -17.23 -1.36
CA GLY A 302 0.32 -16.26 -0.27
C GLY A 302 1.69 -15.65 0.05
N PRO A 303 2.04 -14.70 -0.81
CA PRO A 303 3.29 -13.94 -0.78
C PRO A 303 3.59 -13.15 0.48
N VAL A 304 4.89 -13.26 0.86
CA VAL A 304 5.34 -12.57 2.08
C VAL A 304 5.90 -11.16 1.86
N PHE A 305 5.22 -10.23 2.52
CA PHE A 305 5.35 -8.82 2.57
C PHE A 305 6.32 -8.48 3.71
N ASP A 306 7.55 -8.47 3.27
CA ASP A 306 8.72 -8.16 4.11
C ASP A 306 9.18 -6.72 3.82
N LEU A 307 9.17 -5.93 4.85
CA LEU A 307 9.49 -4.54 4.92
C LEU A 307 10.98 -4.26 4.79
N GLU A 308 11.77 -5.20 5.27
CA GLU A 308 13.23 -5.12 5.21
C GLU A 308 13.64 -5.18 3.74
N LYS A 309 12.87 -5.98 3.00
CA LYS A 309 13.05 -6.18 1.57
C LYS A 309 12.65 -4.93 0.79
N LEU A 310 11.61 -4.30 1.23
CA LEU A 310 11.04 -3.09 0.66
C LEU A 310 12.06 -1.94 0.82
N ARG A 311 12.62 -1.85 2.02
CA ARG A 311 13.60 -0.80 2.26
C ARG A 311 14.87 -1.17 1.45
N TRP A 312 15.15 -2.43 1.24
CA TRP A 312 16.30 -2.78 0.41
C TRP A 312 16.01 -2.24 -0.99
N MET A 313 14.80 -2.43 -1.42
CA MET A 313 14.33 -2.04 -2.76
C MET A 313 14.29 -0.54 -2.93
N ASN A 314 13.82 0.16 -1.92
CA ASN A 314 13.69 1.60 -1.82
C ASN A 314 15.09 2.26 -1.90
N GLY A 315 16.05 1.64 -1.31
CA GLY A 315 17.44 2.09 -1.23
C GLY A 315 18.03 1.90 -2.64
N LYS A 316 17.56 0.87 -3.33
CA LYS A 316 18.07 0.64 -4.69
C LYS A 316 17.55 1.74 -5.58
N TYR A 317 16.32 2.15 -5.33
CA TYR A 317 15.73 3.22 -6.15
C TYR A 317 16.47 4.53 -5.93
N ILE A 318 16.95 4.73 -4.73
CA ILE A 318 17.67 5.93 -4.31
C ILE A 318 19.07 6.03 -4.96
N ARG A 319 19.77 4.90 -5.04
CA ARG A 319 21.09 4.82 -5.57
C ARG A 319 21.33 4.27 -6.94
N GLU A 320 20.45 3.60 -7.59
CA GLU A 320 20.75 2.99 -8.88
C GLU A 320 19.74 3.12 -9.98
N VAL A 321 18.84 4.05 -9.77
CA VAL A 321 17.72 4.26 -10.72
C VAL A 321 17.56 5.79 -10.78
N LEU A 322 17.03 6.36 -9.72
CA LEU A 322 16.84 7.82 -9.69
C LEU A 322 18.21 8.51 -9.81
N SER A 323 18.22 9.66 -10.43
CA SER A 323 19.41 10.48 -10.65
C SER A 323 19.41 11.47 -9.47
N LEU A 324 20.58 11.87 -9.08
CA LEU A 324 20.95 12.79 -8.06
C LEU A 324 20.14 14.06 -7.96
N GLU A 325 19.57 14.48 -9.02
CA GLU A 325 18.74 15.71 -9.10
C GLU A 325 17.32 15.29 -8.77
N GLU A 326 16.95 14.06 -9.17
CA GLU A 326 15.62 13.59 -8.81
C GLU A 326 15.53 13.33 -7.31
N VAL A 327 16.49 12.61 -6.74
CA VAL A 327 16.49 12.28 -5.29
C VAL A 327 16.47 13.59 -4.51
N ALA A 328 17.45 14.43 -4.86
CA ALA A 328 17.68 15.71 -4.25
C ALA A 328 16.42 16.56 -4.26
N GLU A 329 15.46 16.23 -5.05
CA GLU A 329 14.23 17.00 -5.15
C GLU A 329 13.18 16.37 -4.24
N ARG A 330 13.28 15.03 -4.16
CA ARG A 330 12.32 14.33 -3.29
C ARG A 330 12.62 14.43 -1.81
N VAL A 331 13.85 14.80 -1.47
CA VAL A 331 14.26 14.87 -0.06
C VAL A 331 13.88 16.20 0.52
N LYS A 332 13.56 17.13 -0.36
CA LYS A 332 13.22 18.50 0.06
C LYS A 332 12.12 18.56 1.11
N PRO A 333 10.99 17.95 0.80
CA PRO A 333 9.81 17.96 1.69
C PRO A 333 10.19 17.49 3.08
N PHE A 334 11.01 16.44 3.16
CA PHE A 334 11.45 15.95 4.48
C PHE A 334 12.40 16.89 5.18
N LEU A 335 13.20 17.66 4.45
CA LEU A 335 14.12 18.62 5.11
C LEU A 335 13.20 19.65 5.79
N ARG A 336 12.39 20.29 5.00
CA ARG A 336 11.44 21.30 5.47
C ARG A 336 10.83 20.82 6.79
N GLU A 337 10.20 19.69 6.58
CA GLU A 337 9.46 18.98 7.64
C GLU A 337 10.35 18.74 8.84
N ALA A 338 11.64 18.79 8.72
CA ALA A 338 12.52 18.50 9.88
C ALA A 338 13.08 19.81 10.36
N GLY A 339 12.63 20.88 9.77
CA GLY A 339 13.04 22.24 10.07
C GLY A 339 14.42 22.60 9.57
N LEU A 340 14.73 22.05 8.41
CA LEU A 340 16.05 22.25 7.77
C LEU A 340 15.94 23.09 6.50
N SER A 341 17.10 23.32 5.95
CA SER A 341 17.23 24.16 4.72
C SER A 341 18.68 24.05 4.27
N TRP A 342 18.94 24.43 3.07
CA TRP A 342 20.27 24.35 2.44
C TRP A 342 20.62 25.70 1.87
N GLU A 343 21.80 26.20 1.89
CA GLU A 343 22.19 27.51 1.43
C GLU A 343 22.30 27.74 -0.07
N SER A 344 22.13 26.67 -0.80
CA SER A 344 22.23 26.62 -2.26
C SER A 344 21.81 25.21 -2.66
N GLU A 345 21.34 25.12 -3.86
CA GLU A 345 20.92 23.84 -4.46
C GLU A 345 22.10 22.92 -4.70
N ALA A 346 23.25 23.54 -4.81
CA ALA A 346 24.54 22.88 -5.05
C ALA A 346 24.87 22.00 -3.83
N TYR A 347 24.84 22.65 -2.69
CA TYR A 347 25.12 22.01 -1.39
C TYR A 347 24.20 20.82 -1.19
N LEU A 348 22.90 21.11 -1.36
CA LEU A 348 21.88 20.08 -1.22
C LEU A 348 22.32 18.87 -2.00
N ARG A 349 22.77 19.02 -3.21
CA ARG A 349 23.15 17.94 -4.10
C ARG A 349 24.44 17.30 -3.68
N ARG A 350 25.32 18.07 -3.08
CA ARG A 350 26.61 17.52 -2.61
C ARG A 350 26.43 16.78 -1.29
N ALA A 351 25.38 17.10 -0.56
CA ALA A 351 25.05 16.44 0.71
C ALA A 351 24.35 15.13 0.41
N VAL A 352 23.42 15.07 -0.50
CA VAL A 352 22.63 13.91 -0.94
C VAL A 352 23.59 12.89 -1.55
N GLU A 353 24.55 13.28 -2.34
CA GLU A 353 25.51 12.40 -2.98
C GLU A 353 26.52 11.76 -2.07
N LEU A 354 26.90 12.37 -0.99
CA LEU A 354 27.86 11.89 -0.02
C LEU A 354 27.09 10.94 0.93
N MET A 355 25.83 11.25 1.10
CA MET A 355 24.94 10.48 1.97
C MET A 355 24.24 9.32 1.31
N ARG A 356 24.04 9.32 0.03
CA ARG A 356 23.33 8.31 -0.71
C ARG A 356 23.50 6.90 -0.14
N PRO A 357 24.76 6.53 0.00
CA PRO A 357 25.09 5.19 0.47
C PRO A 357 24.44 4.86 1.81
N ARG A 358 24.16 5.83 2.65
CA ARG A 358 23.68 5.67 4.02
C ARG A 358 22.23 5.81 4.37
N PHE A 359 21.29 5.86 3.46
CA PHE A 359 19.83 6.03 3.81
C PHE A 359 19.01 5.28 2.76
N ASP A 360 18.01 4.52 3.17
CA ASP A 360 17.11 3.76 2.35
C ASP A 360 15.69 4.31 2.20
N THR A 361 15.40 5.39 2.86
CA THR A 361 14.11 6.09 2.82
C THR A 361 14.32 7.58 2.80
N LEU A 362 13.54 8.33 2.05
CA LEU A 362 13.67 9.79 2.00
C LEU A 362 13.64 10.42 3.37
N LYS A 363 12.99 9.81 4.34
CA LYS A 363 12.86 10.32 5.70
C LYS A 363 14.11 10.26 6.57
N GLU A 364 14.96 9.29 6.31
CA GLU A 364 16.21 9.05 7.02
C GLU A 364 17.29 10.08 6.66
N PHE A 365 17.03 10.82 5.60
CA PHE A 365 17.95 11.86 5.12
C PHE A 365 18.17 12.96 6.13
N PRO A 366 17.17 13.72 6.48
CA PRO A 366 17.29 14.78 7.48
C PRO A 366 17.79 14.25 8.82
N GLU A 367 17.54 12.97 9.09
CA GLU A 367 18.02 12.38 10.37
C GLU A 367 19.51 12.13 10.25
N LYS A 368 20.03 11.37 9.33
CA LYS A 368 21.46 11.09 9.20
C LYS A 368 22.34 12.25 8.82
N ALA A 369 21.93 13.08 7.88
CA ALA A 369 22.66 14.25 7.40
C ALA A 369 22.23 15.53 8.11
N ARG A 370 21.80 15.39 9.37
CA ARG A 370 21.38 16.57 10.15
C ARG A 370 22.47 17.60 10.21
N TYR A 371 23.60 17.34 10.78
CA TYR A 371 24.75 18.21 10.96
C TYR A 371 25.15 18.97 9.72
N LEU A 372 24.70 18.55 8.55
CA LEU A 372 25.08 19.29 7.33
C LEU A 372 24.18 20.47 7.11
N PHE A 373 23.08 20.56 7.79
CA PHE A 373 22.13 21.68 7.54
C PHE A 373 21.85 22.59 8.70
N THR A 374 22.38 22.28 9.86
CA THR A 374 22.13 23.09 11.05
C THR A 374 23.34 23.07 11.97
N GLU A 375 23.55 24.14 12.72
CA GLU A 375 24.73 24.12 13.60
C GLU A 375 24.41 23.43 14.89
N ASP A 376 23.13 23.09 14.96
CA ASP A 376 22.53 22.45 16.14
C ASP A 376 22.09 21.02 15.82
N TYR A 377 22.99 20.08 15.95
CA TYR A 377 22.85 18.65 15.75
C TYR A 377 23.22 17.93 17.06
N PRO A 378 22.76 16.71 17.18
CA PRO A 378 23.04 15.91 18.36
C PRO A 378 24.42 15.28 18.45
N VAL A 379 25.04 15.25 19.64
CA VAL A 379 26.34 14.58 19.83
C VAL A 379 26.17 13.25 20.62
N SER A 380 26.46 12.14 19.96
CA SER A 380 26.31 10.85 20.61
C SER A 380 27.21 10.96 21.84
N GLU A 381 27.02 10.04 22.75
CA GLU A 381 27.74 9.95 24.02
C GLU A 381 29.15 9.48 23.74
N LYS A 382 29.23 8.62 22.70
CA LYS A 382 30.55 8.06 22.29
C LYS A 382 31.40 9.12 21.63
N ALA A 383 30.80 9.97 20.81
CA ALA A 383 31.45 11.08 20.10
C ALA A 383 32.09 12.02 21.12
N GLN A 384 31.30 12.43 22.09
CA GLN A 384 31.62 13.31 23.20
C GLN A 384 32.79 12.70 23.97
N ARG A 385 32.57 11.46 24.40
CA ARG A 385 33.61 10.71 25.11
C ARG A 385 34.93 10.94 24.35
N LYS A 386 34.86 10.65 23.08
CA LYS A 386 35.96 10.76 22.15
C LYS A 386 36.46 12.19 22.02
N LEU A 387 35.57 13.15 21.87
CA LEU A 387 35.99 14.55 21.75
C LEU A 387 36.83 14.99 22.95
N GLU A 388 36.74 14.29 24.06
CA GLU A 388 37.44 14.60 25.31
C GLU A 388 38.83 13.97 25.27
N GLU A 389 38.90 12.73 24.81
CA GLU A 389 40.21 12.04 24.74
C GLU A 389 41.14 12.75 23.75
N GLY A 390 40.58 13.46 22.78
CA GLY A 390 41.31 14.19 21.78
C GLY A 390 41.22 15.69 21.94
N LEU A 391 40.66 16.22 22.99
CA LEU A 391 40.52 17.66 23.17
C LEU A 391 41.79 18.44 23.06
N PRO A 392 42.85 18.04 23.71
CA PRO A 392 44.14 18.76 23.66
C PRO A 392 44.66 18.92 22.24
N LEU A 393 44.46 17.93 21.41
CA LEU A 393 44.87 17.90 20.00
C LEU A 393 44.13 18.89 19.11
N LEU A 394 42.86 19.11 19.27
CA LEU A 394 42.07 20.06 18.46
C LEU A 394 42.42 21.51 18.86
N LYS A 395 42.88 21.53 20.11
CA LYS A 395 43.30 22.76 20.78
C LYS A 395 44.52 23.27 20.00
N GLU A 396 45.45 22.34 19.83
CA GLU A 396 46.68 22.54 19.08
C GLU A 396 46.44 22.77 17.60
N LEU A 397 45.46 22.02 17.09
CA LEU A 397 45.06 22.07 15.69
C LEU A 397 44.30 23.30 15.25
N TYR A 398 43.49 23.88 16.09
CA TYR A 398 42.67 25.04 15.66
C TYR A 398 43.38 26.16 14.93
N PRO A 399 44.55 26.58 15.43
CA PRO A 399 45.34 27.66 14.83
C PRO A 399 45.75 27.33 13.42
N ARG A 400 46.12 26.09 13.16
CA ARG A 400 46.50 25.67 11.80
C ARG A 400 45.32 25.81 10.85
N LEU A 401 44.14 25.39 11.24
CA LEU A 401 42.86 25.47 10.50
C LEU A 401 42.51 26.96 10.32
N ARG A 402 42.60 27.69 11.43
CA ARG A 402 42.36 29.14 11.36
C ARG A 402 43.23 29.75 10.25
N ALA A 403 44.45 29.27 10.08
CA ALA A 403 45.32 29.79 9.02
C ALA A 403 44.97 29.27 7.64
N GLN A 404 44.45 28.09 7.52
CA GLN A 404 44.12 27.45 6.23
C GLN A 404 43.24 28.31 5.36
N GLU A 405 43.54 28.43 4.09
CA GLU A 405 42.82 29.25 3.11
C GLU A 405 42.11 28.32 2.12
N GLU A 406 42.87 27.52 1.44
CA GLU A 406 42.40 26.53 0.47
C GLU A 406 41.75 25.38 1.25
N TRP A 407 40.45 25.49 1.32
CA TRP A 407 39.61 24.52 2.08
C TRP A 407 39.08 23.57 1.03
N THR A 408 39.96 22.68 0.68
CA THR A 408 39.77 21.59 -0.30
C THR A 408 40.08 20.32 0.47
N GLU A 409 39.54 19.19 -0.01
CA GLU A 409 39.84 17.95 0.74
C GLU A 409 41.34 17.69 0.77
N ALA A 410 41.91 17.92 -0.44
CA ALA A 410 43.29 17.80 -0.82
C ALA A 410 44.20 18.52 0.17
N ALA A 411 43.99 19.81 0.33
CA ALA A 411 44.71 20.69 1.25
C ALA A 411 44.62 20.21 2.71
N LEU A 412 43.33 20.01 3.04
CA LEU A 412 42.85 19.58 4.36
C LEU A 412 43.49 18.27 4.76
N GLU A 413 43.50 17.34 3.84
CA GLU A 413 44.11 16.05 4.11
C GLU A 413 45.60 16.24 4.39
N ALA A 414 46.29 16.93 3.50
CA ALA A 414 47.73 17.13 3.65
C ALA A 414 48.03 17.80 4.99
N LEU A 415 47.21 18.77 5.36
CA LEU A 415 47.39 19.49 6.64
C LEU A 415 47.32 18.60 7.87
N LEU A 416 46.28 17.78 7.93
CA LEU A 416 45.99 16.84 9.01
C LEU A 416 47.07 15.77 9.05
N ARG A 417 47.49 15.33 7.87
CA ARG A 417 48.56 14.32 7.81
C ARG A 417 49.84 14.92 8.38
N GLY A 418 49.99 16.22 8.14
CA GLY A 418 51.14 16.97 8.64
C GLY A 418 51.09 16.91 10.16
N PHE A 419 50.03 17.50 10.70
CA PHE A 419 49.81 17.57 12.15
C PHE A 419 49.92 16.25 12.89
N ALA A 420 49.34 15.15 12.41
CA ALA A 420 49.51 13.83 13.06
C ALA A 420 51.04 13.59 13.07
N ALA A 421 51.59 13.67 11.86
CA ALA A 421 53.02 13.48 11.64
C ALA A 421 53.90 14.34 12.53
N GLU A 422 53.52 15.56 12.80
CA GLU A 422 54.24 16.51 13.62
C GLU A 422 54.07 16.33 15.10
N LYS A 423 53.04 15.61 15.50
CA LYS A 423 52.67 15.37 16.91
C LYS A 423 52.96 14.02 17.50
N GLY A 424 53.53 13.14 16.72
CA GLY A 424 53.85 11.74 17.15
C GLY A 424 52.52 11.06 17.53
N VAL A 425 51.66 11.03 16.54
CA VAL A 425 50.29 10.51 16.62
C VAL A 425 49.81 10.10 15.25
N LYS A 426 49.16 8.97 15.14
CA LYS A 426 48.60 8.42 13.89
C LYS A 426 47.40 9.29 13.53
N LEU A 427 47.11 9.52 12.27
CA LEU A 427 46.01 10.37 11.83
C LEU A 427 44.72 10.13 12.58
N GLY A 428 44.42 8.92 12.94
CA GLY A 428 43.21 8.52 13.65
C GLY A 428 42.87 9.22 14.95
N GLN A 429 43.86 9.55 15.75
CA GLN A 429 43.74 10.26 17.00
C GLN A 429 43.48 11.74 16.75
N VAL A 430 43.52 12.13 15.52
CA VAL A 430 43.27 13.55 15.09
C VAL A 430 41.93 13.47 14.36
N ALA A 431 41.79 12.40 13.58
CA ALA A 431 40.61 12.09 12.82
C ALA A 431 39.36 11.88 13.66
N GLN A 432 39.31 11.00 14.61
CA GLN A 432 38.04 10.76 15.34
C GLN A 432 37.56 11.98 16.08
N PRO A 433 38.38 12.50 16.97
CA PRO A 433 38.00 13.74 17.69
C PRO A 433 37.49 14.76 16.70
N LEU A 434 38.21 15.09 15.64
CA LEU A 434 37.73 16.09 14.67
C LEU A 434 36.31 15.77 14.17
N ARG A 435 36.13 14.52 13.78
CA ARG A 435 34.87 13.99 13.26
C ARG A 435 33.77 14.18 14.30
N ALA A 436 34.08 13.78 15.53
CA ALA A 436 33.23 13.93 16.72
C ALA A 436 32.84 15.40 16.87
N ALA A 437 33.82 16.28 16.82
CA ALA A 437 33.63 17.72 16.91
C ALA A 437 32.86 18.33 15.76
N LEU A 438 32.86 17.72 14.59
CA LEU A 438 32.24 18.32 13.41
C LEU A 438 30.77 17.99 13.15
N THR A 439 30.51 16.70 13.23
CA THR A 439 29.23 16.08 12.92
C THR A 439 28.50 15.49 14.08
N GLY A 440 29.07 15.49 15.28
CA GLY A 440 28.52 14.98 16.51
C GLY A 440 28.33 13.48 16.52
N SER A 441 28.63 12.89 15.38
CA SER A 441 28.47 11.49 15.08
C SER A 441 29.48 10.45 15.46
N LEU A 442 30.65 10.38 14.90
CA LEU A 442 31.72 9.42 15.11
C LEU A 442 31.70 8.30 14.07
N GLU A 443 30.66 8.25 13.28
CA GLU A 443 30.45 7.25 12.20
C GLU A 443 29.90 8.19 11.11
N THR A 444 30.61 8.29 10.02
CA THR A 444 30.20 9.26 8.95
C THR A 444 30.95 8.97 7.68
N PRO A 445 30.56 9.68 6.63
CA PRO A 445 31.19 9.56 5.30
C PRO A 445 32.47 10.35 5.28
N GLY A 446 33.25 10.13 4.25
CA GLY A 446 34.53 10.76 4.00
C GLY A 446 34.70 11.99 4.86
N LEU A 447 35.55 11.90 5.82
CA LEU A 447 35.95 12.92 6.77
C LEU A 447 36.47 14.22 6.18
N PHE A 448 37.07 14.14 5.00
CA PHE A 448 37.67 15.31 4.31
C PHE A 448 36.61 15.97 3.45
N GLU A 449 35.72 15.18 2.92
CA GLU A 449 34.56 15.61 2.14
C GLU A 449 33.61 16.30 3.13
N ILE A 450 33.54 15.79 4.33
CA ILE A 450 32.73 16.35 5.42
C ILE A 450 33.30 17.61 5.99
N LEU A 451 34.58 17.81 5.94
CA LEU A 451 35.27 19.02 6.45
C LEU A 451 35.21 20.11 5.40
N ALA A 452 35.42 19.70 4.19
CA ALA A 452 35.41 20.59 3.02
C ALA A 452 34.01 21.16 2.90
N LEU A 453 33.05 20.32 2.57
CA LEU A 453 31.65 20.64 2.33
C LEU A 453 31.11 21.85 3.09
N LEU A 454 31.01 21.75 4.38
CA LEU A 454 30.48 22.87 5.18
C LEU A 454 31.10 24.23 4.92
N GLY A 455 32.43 24.18 4.69
CA GLY A 455 33.30 25.32 4.47
C GLY A 455 33.88 25.81 5.79
N LYS A 456 34.97 26.53 5.66
CA LYS A 456 35.75 27.08 6.75
C LYS A 456 35.02 27.51 8.00
N GLU A 457 34.23 28.58 7.88
CA GLU A 457 33.56 29.16 9.03
C GLU A 457 32.54 28.30 9.71
N ARG A 458 32.05 27.27 9.05
CA ARG A 458 31.06 26.39 9.73
C ARG A 458 31.90 25.51 10.63
N ALA A 459 32.97 25.03 10.04
CA ALA A 459 33.95 24.15 10.70
C ALA A 459 34.58 24.77 11.94
N LEU A 460 35.08 26.00 11.72
CA LEU A 460 35.79 26.80 12.73
C LEU A 460 34.86 27.11 13.87
N ARG A 461 33.77 27.73 13.53
CA ARG A 461 32.71 28.05 14.50
C ARG A 461 32.32 26.78 15.27
N ARG A 462 32.13 25.64 14.64
CA ARG A 462 31.80 24.42 15.35
C ARG A 462 33.02 23.87 16.12
N LEU A 463 34.23 24.21 15.69
CA LEU A 463 35.46 23.79 16.36
C LEU A 463 35.68 24.48 17.71
N GLU A 464 35.34 25.76 17.79
CA GLU A 464 35.44 26.53 19.02
C GLU A 464 34.38 26.04 20.01
N ARG A 465 33.15 26.05 19.54
CA ARG A 465 32.05 25.55 20.40
C ARG A 465 32.56 24.37 21.23
N ALA A 466 33.20 23.42 20.63
CA ALA A 466 33.70 22.26 21.34
C ALA A 466 34.88 22.46 22.26
N LEU A 467 35.74 23.43 21.91
CA LEU A 467 36.97 23.69 22.70
C LEU A 467 36.59 24.77 23.72
N ALA A 468 36.35 25.93 23.14
CA ALA A 468 35.91 27.11 23.94
C ALA A 468 34.60 26.71 24.65
#